data_6IRU
#
_entry.id   6IRU
#
_cell.length_a   166.745
_cell.length_b   166.745
_cell.length_c   100.903
_cell.angle_alpha   90.00
_cell.angle_beta   90.00
_cell.angle_gamma   120.00
#
_symmetry.space_group_name_H-M   'P 64 2 2'
#
loop_
_entity.id
_entity.type
_entity.pdbx_description
1 polymer 'peptidase DR_1070'
2 water water
#
_entity_poly.entity_id   1
_entity_poly.type   'polypeptide(L)'
_entity_poly.pdbx_seq_one_letter_code
;MVRLLLTSFQHPSMAQFIGGKRVAYIPDAARSYADAPFVQKEREGLEKQGLELINLPLSHTDLAAVETTLNAVDGVYVAG
GETFDLLQVLRSTGSDKVITRRVRQGLPYIGCSAGSVVAGPTIEAVSLMDSPDIAPDLKDYTGLGLTELAVIPHASGSIS
QFPIETIADTVRTYGERWPLCLLRDGQALWIEDGEVRLLNLEHHHHHH
;
_entity_poly.pdbx_strand_id   A,B,C
#
# COMPACT_ATOMS: atom_id res chain seq x y z
N VAL A 2 -4.70 10.25 6.65
CA VAL A 2 -3.54 9.71 7.36
C VAL A 2 -2.54 10.82 7.69
N ARG A 3 -2.27 11.01 8.98
CA ARG A 3 -1.49 12.14 9.46
C ARG A 3 -0.35 11.65 10.33
N LEU A 4 0.88 11.93 9.93
CA LEU A 4 2.06 11.66 10.75
C LEU A 4 2.85 12.94 10.94
N LEU A 5 3.45 13.07 12.11
CA LEU A 5 4.45 14.09 12.43
C LEU A 5 5.62 13.34 13.05
N LEU A 6 6.66 13.10 12.25
CA LEU A 6 7.83 12.34 12.70
C LEU A 6 8.94 13.31 13.03
N THR A 7 9.23 13.46 14.32
CA THR A 7 10.25 14.38 14.79
C THR A 7 11.53 13.64 15.14
N SER A 8 12.65 14.32 14.98
CA SER A 8 13.89 13.80 15.55
C SER A 8 13.82 13.86 17.07
N PHE A 9 13.59 15.04 17.61
CA PHE A 9 13.28 15.16 19.03
C PHE A 9 12.27 16.29 19.17
N GLN A 10 11.01 15.94 18.91
CA GLN A 10 9.87 16.84 19.07
C GLN A 10 9.94 18.01 18.10
N HIS A 11 8.94 18.88 18.16
CA HIS A 11 8.83 20.04 17.29
C HIS A 11 7.80 20.97 17.88
N PRO A 12 7.98 22.28 17.76
CA PRO A 12 7.02 23.20 18.40
C PRO A 12 5.57 23.07 17.92
N SER A 13 5.31 22.51 16.73
CA SER A 13 3.96 22.46 16.20
C SER A 13 3.25 21.13 16.49
N MET A 14 3.73 20.37 17.47
CA MET A 14 3.10 19.09 17.80
C MET A 14 1.64 19.28 18.19
N ALA A 15 1.37 20.26 19.05
CA ALA A 15 0.01 20.52 19.50
C ALA A 15 -0.89 20.91 18.34
N GLN A 16 -0.41 21.80 17.46
CA GLN A 16 -1.23 22.19 16.31
C GLN A 16 -1.45 21.01 15.38
N PHE A 17 -0.48 20.09 15.31
CA PHE A 17 -0.64 18.90 14.47
C PHE A 17 -1.75 18.01 14.97
N ILE A 18 -1.86 17.85 16.30
CA ILE A 18 -2.88 16.98 16.85
C ILE A 18 -4.26 17.58 16.62
N GLY A 19 -4.39 18.88 16.81
CA GLY A 19 -5.68 19.51 16.68
C GLY A 19 -6.62 19.29 17.84
N GLY A 20 -6.14 18.67 18.92
CA GLY A 20 -6.91 18.49 20.14
C GLY A 20 -6.03 18.54 21.37
N LYS A 21 -6.59 18.21 22.53
CA LYS A 21 -5.84 18.31 23.77
C LYS A 21 -5.39 16.97 24.34
N ARG A 22 -6.00 15.87 23.92
CA ARG A 22 -5.76 14.57 24.55
C ARG A 22 -4.88 13.74 23.62
N VAL A 23 -3.71 13.32 24.13
CA VAL A 23 -2.75 12.54 23.36
C VAL A 23 -2.39 11.31 24.18
N ALA A 24 -2.53 10.13 23.58
CA ALA A 24 -2.04 8.92 24.21
C ALA A 24 -0.53 8.87 24.13
N TYR A 25 0.13 8.73 25.27
CA TYR A 25 1.59 8.74 25.32
C TYR A 25 2.04 7.30 25.49
N ILE A 26 2.71 6.76 24.49
CA ILE A 26 3.19 5.38 24.52
C ILE A 26 4.66 5.40 24.93
N PRO A 27 4.98 4.98 26.15
CA PRO A 27 6.36 5.15 26.68
C PRO A 27 7.27 3.94 26.52
N ASP A 28 6.81 2.84 25.92
CA ASP A 28 7.50 1.57 26.09
C ASP A 28 8.92 1.57 25.56
N ALA A 29 9.25 2.42 24.59
CA ALA A 29 10.63 2.46 24.10
C ALA A 29 11.62 2.76 25.22
N ALA A 30 11.17 3.44 26.28
CA ALA A 30 12.03 3.83 27.38
C ALA A 30 11.72 3.08 28.67
N ARG A 31 10.98 1.96 28.58
CA ARG A 31 10.66 1.17 29.76
C ARG A 31 11.92 0.62 30.43
N SER A 32 13.01 0.48 29.68
CA SER A 32 14.25 -0.07 30.21
C SER A 32 14.95 0.88 31.18
N TYR A 33 14.46 2.11 31.31
CA TYR A 33 14.94 3.07 32.31
C TYR A 33 13.79 4.04 32.62
N ALA A 34 12.70 3.50 33.17
CA ALA A 34 11.43 4.23 33.23
C ALA A 34 11.53 5.50 34.07
N ASP A 35 12.15 5.39 35.25
CA ASP A 35 12.19 6.51 36.19
C ASP A 35 13.59 7.12 36.28
N ALA A 36 14.35 7.01 35.19
CA ALA A 36 15.70 7.55 35.15
C ALA A 36 15.65 9.06 34.96
N PRO A 37 16.56 9.81 35.61
CA PRO A 37 16.58 11.27 35.45
C PRO A 37 16.54 11.70 33.99
N PHE A 38 15.74 12.73 33.72
CA PHE A 38 15.55 13.34 32.40
C PHE A 38 14.83 12.44 31.41
N VAL A 39 14.20 11.35 31.86
CA VAL A 39 13.32 10.60 30.96
C VAL A 39 11.97 11.28 30.80
N GLN A 40 11.57 12.10 31.77
CA GLN A 40 10.33 12.86 31.76
C GLN A 40 10.39 14.10 30.88
N LYS A 41 11.58 14.52 30.43
CA LYS A 41 11.71 15.69 29.58
C LYS A 41 10.83 15.61 28.34
N GLU A 42 10.60 14.40 27.82
CA GLU A 42 9.75 14.26 26.64
C GLU A 42 8.30 14.61 26.97
N ARG A 43 7.79 14.12 28.10
CA ARG A 43 6.40 14.42 28.48
C ARG A 43 6.23 15.90 28.82
N GLU A 44 7.28 16.57 29.33
CA GLU A 44 7.16 18.00 29.59
C GLU A 44 7.08 18.78 28.29
N GLY A 45 7.77 18.34 27.24
CA GLY A 45 7.68 19.01 25.97
C GLY A 45 6.25 19.07 25.44
N LEU A 46 5.56 17.93 25.49
CA LEU A 46 4.16 17.93 25.05
C LEU A 46 3.28 18.69 26.04
N GLU A 47 3.54 18.54 27.34
CA GLU A 47 2.71 19.22 28.33
C GLU A 47 2.92 20.73 28.26
N LYS A 48 4.14 21.17 27.95
CA LYS A 48 4.40 22.60 27.82
C LYS A 48 3.61 23.22 26.68
N GLN A 49 3.12 22.43 25.73
CA GLN A 49 2.35 22.96 24.61
C GLN A 49 0.85 22.87 24.84
N GLY A 50 0.43 22.51 26.06
CA GLY A 50 -0.98 22.48 26.39
C GLY A 50 -1.67 21.16 26.19
N LEU A 51 -0.92 20.08 25.93
CA LEU A 51 -1.45 18.74 25.74
C LEU A 51 -1.63 18.02 27.07
N GLU A 52 -2.78 17.37 27.25
CA GLU A 52 -2.97 16.48 28.40
C GLU A 52 -2.73 15.06 27.93
N LEU A 53 -1.76 14.39 28.53
CA LEU A 53 -1.29 13.09 28.08
C LEU A 53 -2.00 11.97 28.81
N ILE A 54 -2.43 10.97 28.06
CA ILE A 54 -3.03 9.75 28.59
C ILE A 54 -1.97 8.67 28.44
N ASN A 55 -1.38 8.27 29.55
CA ASN A 55 -0.34 7.26 29.48
C ASN A 55 -0.92 5.95 29.00
N LEU A 56 -0.22 5.29 28.08
CA LEU A 56 -0.66 4.01 27.54
C LEU A 56 0.57 3.12 27.40
N PRO A 57 0.99 2.47 28.49
CA PRO A 57 2.12 1.53 28.41
C PRO A 57 1.65 0.21 27.80
N LEU A 58 2.11 -0.05 26.58
CA LEU A 58 1.63 -1.22 25.84
C LEU A 58 2.04 -2.52 26.51
N SER A 59 3.17 -2.54 27.20
CA SER A 59 3.59 -3.76 27.88
C SER A 59 2.63 -4.17 28.98
N HIS A 60 1.85 -3.24 29.52
CA HIS A 60 0.98 -3.50 30.66
C HIS A 60 -0.49 -3.34 30.32
N THR A 61 -0.85 -3.41 29.05
CA THR A 61 -2.23 -3.15 28.64
C THR A 61 -2.67 -4.23 27.65
N ASP A 62 -3.81 -4.88 27.94
CA ASP A 62 -4.36 -5.80 26.97
C ASP A 62 -4.89 -5.02 25.77
N LEU A 63 -4.91 -5.69 24.63
CA LEU A 63 -5.19 -5.01 23.37
C LEU A 63 -6.58 -4.40 23.32
N ALA A 64 -7.53 -4.96 24.08
CA ALA A 64 -8.86 -4.36 24.10
C ALA A 64 -8.83 -2.96 24.70
N ALA A 65 -8.00 -2.75 25.72
CA ALA A 65 -7.92 -1.43 26.33
C ALA A 65 -7.03 -0.51 25.51
N VAL A 66 -6.02 -1.06 24.83
CA VAL A 66 -5.25 -0.27 23.88
C VAL A 66 -6.17 0.31 22.82
N GLU A 67 -7.13 -0.50 22.35
CA GLU A 67 -8.11 -0.04 21.38
C GLU A 67 -9.02 1.03 21.97
N THR A 68 -9.47 0.84 23.21
CA THR A 68 -10.40 1.79 23.80
C THR A 68 -9.75 3.15 24.02
N THR A 69 -8.51 3.18 24.50
CA THR A 69 -7.85 4.47 24.71
C THR A 69 -7.61 5.17 23.37
N LEU A 70 -7.07 4.43 22.40
CA LEU A 70 -6.79 5.04 21.11
C LEU A 70 -8.04 5.55 20.40
N ASN A 71 -9.23 5.20 20.85
CA ASN A 71 -10.45 5.73 20.29
C ASN A 71 -11.02 6.87 21.12
N ALA A 72 -10.41 7.18 22.26
CA ALA A 72 -10.88 8.27 23.11
C ALA A 72 -9.90 9.45 23.15
N VAL A 73 -8.85 9.41 22.33
CA VAL A 73 -7.81 10.42 22.33
C VAL A 73 -7.81 11.12 20.98
N ASP A 74 -7.24 12.32 20.96
CA ASP A 74 -7.16 13.07 19.72
C ASP A 74 -5.92 12.72 18.90
N GLY A 75 -4.98 11.97 19.45
CA GLY A 75 -3.77 11.61 18.75
C GLY A 75 -2.94 10.69 19.61
N VAL A 76 -1.88 10.15 19.01
CA VAL A 76 -1.00 9.21 19.70
C VAL A 76 0.45 9.67 19.53
N TYR A 77 1.24 9.52 20.59
CA TYR A 77 2.64 9.91 20.64
C TYR A 77 3.47 8.71 21.04
N VAL A 78 4.47 8.38 20.23
CA VAL A 78 5.34 7.23 20.47
C VAL A 78 6.72 7.75 20.81
N ALA A 79 7.09 7.66 22.09
CA ALA A 79 8.27 8.33 22.62
C ALA A 79 9.55 7.59 22.23
N GLY A 80 10.67 8.31 22.34
CA GLY A 80 11.97 7.76 22.05
C GLY A 80 12.47 6.80 23.11
N GLY A 81 13.58 6.15 22.80
CA GLY A 81 14.18 5.18 23.69
C GLY A 81 14.98 4.16 22.89
N GLU A 82 14.81 2.89 23.25
CA GLU A 82 15.46 1.79 22.55
C GLU A 82 14.55 1.30 21.43
N THR A 83 14.94 1.60 20.19
CA THR A 83 14.09 1.27 19.04
C THR A 83 13.79 -0.22 18.96
N PHE A 84 14.80 -1.07 19.21
CA PHE A 84 14.60 -2.50 19.05
C PHE A 84 13.70 -3.07 20.12
N ASP A 85 13.71 -2.51 21.31
CA ASP A 85 12.78 -3.01 22.33
C ASP A 85 11.37 -2.50 22.08
N LEU A 86 11.23 -1.31 21.48
CA LEU A 86 9.90 -0.78 21.18
C LEU A 86 9.21 -1.65 20.14
N LEU A 87 9.95 -2.10 19.13
CA LEU A 87 9.33 -2.95 18.13
C LEU A 87 9.04 -4.33 18.71
N GLN A 88 9.92 -4.81 19.60
CA GLN A 88 9.65 -6.05 20.32
C GLN A 88 8.31 -5.95 21.05
N VAL A 89 8.10 -4.84 21.78
CA VAL A 89 6.82 -4.60 22.42
C VAL A 89 5.70 -4.60 21.40
N LEU A 90 5.84 -3.76 20.36
CA LEU A 90 4.77 -3.59 19.39
C LEU A 90 4.38 -4.93 18.75
N ARG A 91 5.36 -5.76 18.41
CA ARG A 91 5.04 -7.03 17.76
C ARG A 91 4.50 -8.05 18.77
N SER A 92 5.09 -8.11 19.98
CA SER A 92 4.66 -9.10 20.96
C SER A 92 3.27 -8.78 21.49
N THR A 93 3.09 -7.56 22.03
CA THR A 93 1.76 -7.08 22.41
C THR A 93 0.75 -7.27 21.29
N GLY A 94 1.18 -7.12 20.02
CA GLY A 94 0.23 -7.04 18.93
C GLY A 94 -0.41 -5.68 18.71
N SER A 95 -0.05 -4.65 19.48
CA SER A 95 -0.60 -3.33 19.20
C SER A 95 -0.02 -2.72 17.93
N ASP A 96 0.99 -3.35 17.32
CA ASP A 96 1.46 -2.84 16.04
C ASP A 96 0.33 -2.82 15.02
N LYS A 97 -0.50 -3.87 15.00
CA LYS A 97 -1.69 -3.87 14.14
C LYS A 97 -2.73 -2.88 14.64
N VAL A 98 -2.89 -2.76 15.96
CA VAL A 98 -3.92 -1.87 16.50
C VAL A 98 -3.59 -0.42 16.18
N ILE A 99 -2.34 -0.02 16.44
CA ILE A 99 -1.92 1.35 16.19
C ILE A 99 -1.95 1.65 14.70
N THR A 100 -1.41 0.75 13.88
CA THR A 100 -1.40 0.96 12.43
C THR A 100 -2.82 1.14 11.90
N ARG A 101 -3.75 0.28 12.32
CA ARG A 101 -5.12 0.41 11.88
C ARG A 101 -5.69 1.76 12.28
N ARG A 102 -5.46 2.18 13.53
CA ARG A 102 -6.01 3.45 14.01
C ARG A 102 -5.37 4.64 13.29
N VAL A 103 -4.07 4.59 13.02
CA VAL A 103 -3.42 5.67 12.31
C VAL A 103 -4.00 5.82 10.90
N ARG A 104 -4.19 4.71 10.19
CA ARG A 104 -4.74 4.82 8.84
C ARG A 104 -6.17 5.33 8.82
N GLN A 105 -6.92 5.17 9.91
CA GLN A 105 -8.26 5.74 9.95
C GLN A 105 -8.24 7.22 10.27
N GLY A 106 -7.07 7.85 10.39
CA GLY A 106 -6.98 9.28 10.57
C GLY A 106 -6.56 9.74 11.95
N LEU A 107 -6.18 8.84 12.84
CA LEU A 107 -5.71 9.24 14.15
C LEU A 107 -4.31 9.79 13.98
N PRO A 108 -4.06 11.06 14.28
CA PRO A 108 -2.72 11.62 14.05
C PRO A 108 -1.68 10.97 14.94
N TYR A 109 -0.51 10.75 14.36
CA TYR A 109 0.59 10.00 14.97
C TYR A 109 1.81 10.90 15.02
N ILE A 110 2.34 11.12 16.22
CA ILE A 110 3.60 11.83 16.41
C ILE A 110 4.66 10.84 16.84
N GLY A 111 5.77 10.83 16.14
CA GLY A 111 6.92 10.01 16.48
C GLY A 111 8.07 10.87 16.96
N CYS A 112 8.80 10.37 17.94
CA CYS A 112 10.01 11.02 18.45
C CYS A 112 11.13 10.00 18.51
N SER A 113 12.22 10.24 17.79
CA SER A 113 13.35 9.31 17.73
C SER A 113 12.88 7.90 17.38
N ALA A 114 12.89 7.01 18.37
CA ALA A 114 12.48 5.63 18.12
C ALA A 114 11.03 5.54 17.66
N GLY A 115 10.18 6.47 18.09
CA GLY A 115 8.82 6.50 17.58
C GLY A 115 8.76 6.88 16.11
N SER A 116 9.72 7.68 15.64
CA SER A 116 9.73 8.06 14.24
C SER A 116 10.32 6.96 13.37
N VAL A 117 11.22 6.14 13.91
CA VAL A 117 11.89 5.13 13.09
C VAL A 117 10.96 3.94 12.85
N VAL A 118 10.23 3.51 13.89
CA VAL A 118 9.33 2.37 13.73
C VAL A 118 8.16 2.69 12.83
N ALA A 119 7.89 3.96 12.57
CA ALA A 119 6.84 4.33 11.63
C ALA A 119 7.22 3.99 10.21
N GLY A 120 8.52 3.83 9.93
CA GLY A 120 8.98 3.60 8.59
C GLY A 120 9.04 2.13 8.24
N PRO A 121 9.77 1.82 7.16
CA PRO A 121 9.79 0.44 6.67
C PRO A 121 10.60 -0.50 7.53
N THR A 122 11.64 -0.03 8.22
CA THR A 122 12.49 -0.90 9.00
C THR A 122 13.15 -0.14 10.14
N ILE A 123 13.61 -0.89 11.13
CA ILE A 123 14.47 -0.36 12.18
C ILE A 123 15.91 -0.82 12.04
N GLU A 124 16.22 -1.56 10.97
CA GLU A 124 17.58 -2.06 10.81
C GLU A 124 18.59 -0.94 10.57
N ALA A 125 18.14 0.19 10.01
CA ALA A 125 19.08 1.26 9.71
C ALA A 125 19.56 2.01 10.95
N VAL A 126 18.92 1.82 12.11
CA VAL A 126 19.38 2.47 13.34
C VAL A 126 20.11 1.50 14.25
N SER A 127 20.51 0.33 13.75
CA SER A 127 21.15 -0.66 14.60
C SER A 127 22.55 -0.25 15.05
N LEU A 128 23.12 0.81 14.47
CA LEU A 128 24.33 1.38 15.00
C LEU A 128 24.04 2.51 15.97
N MET A 129 22.77 2.83 16.16
CA MET A 129 22.32 3.84 17.11
C MET A 129 21.74 3.22 18.38
N ASP A 130 20.72 2.39 18.23
CA ASP A 130 20.17 1.63 19.34
C ASP A 130 20.65 0.18 19.26
N SER A 131 20.87 -0.42 20.41
CA SER A 131 21.41 -1.78 20.45
C SER A 131 20.34 -2.79 20.08
N PRO A 132 20.61 -3.68 19.13
CA PRO A 132 19.66 -4.77 18.83
C PRO A 132 19.70 -5.89 19.84
N ASP A 133 20.69 -5.89 20.73
CA ASP A 133 20.83 -6.98 21.70
C ASP A 133 19.76 -6.93 22.77
N ILE A 134 19.08 -5.80 22.94
CA ILE A 134 18.03 -5.71 23.93
C ILE A 134 16.81 -6.54 23.58
N ALA A 135 16.73 -7.02 22.33
CA ALA A 135 15.64 -7.87 21.86
C ALA A 135 16.23 -9.07 21.14
N PRO A 136 16.93 -9.95 21.86
CA PRO A 136 17.61 -11.08 21.20
C PRO A 136 16.66 -12.03 20.51
N ASP A 137 15.40 -12.07 20.91
CA ASP A 137 14.41 -12.95 20.33
C ASP A 137 13.57 -12.24 19.27
N LEU A 138 14.01 -11.07 18.80
CA LEU A 138 13.32 -10.34 17.75
C LEU A 138 13.82 -10.81 16.39
N LYS A 139 12.96 -11.49 15.64
CA LYS A 139 13.39 -12.06 14.37
C LYS A 139 13.28 -11.07 13.22
N ASP A 140 12.13 -10.39 13.10
CA ASP A 140 11.84 -9.55 11.95
C ASP A 140 12.03 -8.08 12.30
N TYR A 141 12.82 -7.36 11.50
CA TYR A 141 13.11 -5.95 11.70
C TYR A 141 12.18 -5.01 10.95
N THR A 142 11.11 -5.53 10.34
CA THR A 142 10.17 -4.69 9.61
C THR A 142 9.44 -3.72 10.54
N GLY A 143 9.31 -2.47 10.10
CA GLY A 143 8.59 -1.47 10.85
C GLY A 143 7.11 -1.47 10.57
N LEU A 144 6.44 -0.40 11.04
CA LEU A 144 5.01 -0.30 10.86
C LEU A 144 4.62 0.04 9.43
N GLY A 145 5.54 0.62 8.66
CA GLY A 145 5.24 0.97 7.29
C GLY A 145 4.27 2.11 7.13
N LEU A 146 4.09 2.94 8.16
CA LEU A 146 3.25 4.12 8.02
C LEU A 146 3.88 5.14 7.08
N THR A 147 5.19 5.10 6.92
CA THR A 147 5.90 5.90 5.94
C THR A 147 6.94 5.03 5.27
N GLU A 148 7.28 5.35 4.03
CA GLU A 148 8.36 4.67 3.34
C GLU A 148 9.71 5.28 3.64
N LEU A 149 9.75 6.46 4.25
CA LEU A 149 11.01 7.13 4.56
C LEU A 149 11.63 6.52 5.81
N ALA A 150 12.91 6.21 5.75
CA ALA A 150 13.63 5.63 6.89
C ALA A 150 14.30 6.75 7.68
N VAL A 151 13.69 7.15 8.78
CA VAL A 151 14.16 8.31 9.52
C VAL A 151 15.42 7.95 10.29
N ILE A 152 16.45 8.78 10.16
CA ILE A 152 17.65 8.64 10.98
C ILE A 152 17.74 9.87 11.87
N PRO A 153 17.39 9.77 13.15
CA PRO A 153 17.24 10.96 13.98
C PRO A 153 18.58 11.42 14.54
N HIS A 154 18.58 12.64 15.08
CA HIS A 154 19.76 13.24 15.69
C HIS A 154 20.91 13.32 14.68
N ALA A 155 20.57 13.59 13.43
CA ALA A 155 21.52 13.54 12.33
C ALA A 155 22.61 14.60 12.44
N SER A 156 22.44 15.59 13.31
CA SER A 156 23.48 16.60 13.50
C SER A 156 24.71 16.05 14.22
N GLY A 157 24.57 14.93 14.90
CA GLY A 157 25.65 14.41 15.72
C GLY A 157 25.76 15.06 17.08
N SER A 158 24.67 15.64 17.57
CA SER A 158 24.66 16.43 18.79
C SER A 158 24.38 15.59 20.02
N ILE A 159 24.16 14.29 19.87
CA ILE A 159 24.00 13.41 21.01
C ILE A 159 25.26 12.58 21.14
N SER A 160 25.74 12.42 22.39
CA SER A 160 27.00 11.75 22.62
C SER A 160 26.92 10.27 22.26
N GLN A 161 25.78 9.64 22.50
CA GLN A 161 25.62 8.24 22.14
C GLN A 161 25.56 8.02 20.63
N PHE A 162 25.25 9.06 19.84
CA PHE A 162 25.10 8.95 18.39
C PHE A 162 25.91 10.05 17.73
N PRO A 163 27.24 9.96 17.76
CA PRO A 163 28.08 11.00 17.15
C PRO A 163 28.05 10.91 15.63
N ILE A 164 28.55 11.98 15.00
CA ILE A 164 28.47 12.12 13.56
C ILE A 164 29.22 10.99 12.84
N GLU A 165 30.20 10.39 13.50
CA GLU A 165 30.91 9.26 12.90
C GLU A 165 30.00 8.07 12.67
N THR A 166 29.10 7.79 13.61
CA THR A 166 28.22 6.63 13.46
C THR A 166 27.02 6.92 12.57
N ILE A 167 26.53 8.16 12.56
CA ILE A 167 25.57 8.55 11.53
C ILE A 167 26.17 8.38 10.15
N ALA A 168 27.45 8.73 10.00
CA ALA A 168 28.14 8.49 8.74
C ALA A 168 28.23 6.99 8.44
N ASP A 169 28.56 6.20 9.47
CA ASP A 169 28.61 4.75 9.29
C ASP A 169 27.25 4.20 8.91
N THR A 170 26.18 4.78 9.47
CA THR A 170 24.83 4.37 9.11
C THR A 170 24.54 4.63 7.64
N VAL A 171 25.00 5.77 7.11
CA VAL A 171 24.80 6.05 5.70
C VAL A 171 25.62 5.09 4.84
N ARG A 172 26.86 4.82 5.23
CA ARG A 172 27.68 3.84 4.51
C ARG A 172 27.01 2.47 4.49
N THR A 173 26.35 2.09 5.59
CA THR A 173 25.85 0.74 5.76
C THR A 173 24.45 0.53 5.14
N TYR A 174 23.57 1.52 5.24
CA TYR A 174 22.18 1.33 4.84
C TYR A 174 21.73 2.30 3.77
N GLY A 175 22.60 3.20 3.32
CA GLY A 175 22.18 4.25 2.39
C GLY A 175 21.79 3.75 1.02
N GLU A 176 22.32 2.61 0.59
CA GLU A 176 22.02 2.17 -0.78
C GLU A 176 20.64 1.55 -0.87
N ARG A 177 20.27 0.68 0.07
CA ARG A 177 18.96 0.05 -0.04
C ARG A 177 17.86 0.90 0.56
N TRP A 178 18.18 1.69 1.58
CA TRP A 178 17.05 2.33 2.24
C TRP A 178 17.04 3.82 1.99
N PRO A 179 15.86 4.38 1.81
CA PRO A 179 15.76 5.84 1.58
C PRO A 179 15.97 6.59 2.90
N LEU A 180 17.25 6.73 3.26
CA LEU A 180 17.61 7.39 4.50
C LEU A 180 17.18 8.86 4.47
N CYS A 181 16.64 9.32 5.59
CA CYS A 181 16.29 10.72 5.78
C CYS A 181 16.99 11.21 7.04
N LEU A 182 17.99 12.07 6.86
CA LEU A 182 18.72 12.62 8.00
C LEU A 182 17.86 13.68 8.68
N LEU A 183 17.44 13.43 9.91
CA LEU A 183 16.75 14.45 10.68
C LEU A 183 17.61 14.94 11.83
N ARG A 184 17.81 16.25 11.88
CA ARG A 184 18.48 16.91 12.98
C ARG A 184 17.47 17.22 14.08
N ASP A 185 17.97 17.28 15.31
CA ASP A 185 17.12 17.66 16.43
C ASP A 185 16.52 19.03 16.14
N GLY A 186 15.20 19.14 16.29
CA GLY A 186 14.48 20.33 15.93
C GLY A 186 13.70 20.18 14.64
N GLN A 187 14.12 19.27 13.76
CA GLN A 187 13.41 19.02 12.52
C GLN A 187 12.33 17.98 12.74
N ALA A 188 11.39 17.93 11.80
CA ALA A 188 10.32 16.95 11.81
C ALA A 188 9.77 16.79 10.40
N LEU A 189 9.21 15.62 10.14
CA LEU A 189 8.51 15.34 8.89
C LEU A 189 7.01 15.43 9.13
N TRP A 190 6.36 16.40 8.50
CA TRP A 190 4.90 16.52 8.54
C TRP A 190 4.35 15.82 7.31
N ILE A 191 3.84 14.61 7.48
CA ILE A 191 3.30 13.81 6.39
C ILE A 191 1.77 13.78 6.48
N GLU A 192 1.11 14.20 5.40
CA GLU A 192 -0.35 14.30 5.36
C GLU A 192 -0.83 13.88 3.99
N ASP A 193 -1.50 12.73 3.93
CA ASP A 193 -2.04 12.16 2.70
C ASP A 193 -1.01 12.19 1.57
N GLY A 194 0.12 11.55 1.86
CA GLY A 194 1.17 11.34 0.88
C GLY A 194 2.20 12.45 0.80
N GLU A 195 1.81 13.69 1.02
CA GLU A 195 2.74 14.80 0.91
C GLU A 195 3.66 14.86 2.14
N VAL A 196 4.96 14.91 1.89
CA VAL A 196 5.96 14.91 2.95
C VAL A 196 6.54 16.32 3.01
N ARG A 197 6.29 17.02 4.11
CA ARG A 197 6.90 18.33 4.34
C ARG A 197 8.01 18.18 5.38
N LEU A 198 9.19 18.71 5.07
CA LEU A 198 10.32 18.69 5.99
C LEU A 198 10.39 20.04 6.69
N LEU A 199 10.15 20.04 8.00
CA LEU A 199 10.10 21.27 8.76
C LEU A 199 11.35 21.46 9.59
N ASN A 200 11.82 22.69 9.66
CA ASN A 200 12.82 23.09 10.62
C ASN A 200 12.13 23.63 11.88
N LEU A 201 12.92 24.08 12.84
CA LEU A 201 12.35 24.57 14.09
C LEU A 201 11.42 25.74 13.84
N GLU A 202 11.81 26.63 12.93
CA GLU A 202 11.12 27.89 12.71
C GLU A 202 9.79 27.74 11.97
N HIS A 203 9.45 26.55 11.48
CA HIS A 203 8.26 26.40 10.62
C HIS A 203 7.03 26.17 11.48
N HIS A 204 6.44 27.28 11.95
CA HIS A 204 5.20 27.28 12.74
C HIS A 204 4.76 28.72 12.98
N VAL B 2 -15.21 7.41 -21.66
CA VAL B 2 -15.43 6.97 -20.28
C VAL B 2 -14.24 7.30 -19.39
N ARG B 3 -14.51 8.06 -18.32
CA ARG B 3 -13.50 8.50 -17.36
C ARG B 3 -14.01 8.14 -15.97
N LEU B 4 -13.32 7.25 -15.26
CA LEU B 4 -13.71 6.90 -13.91
C LEU B 4 -12.58 7.13 -12.91
N LEU B 5 -12.97 7.48 -11.69
CA LEU B 5 -12.04 7.47 -10.56
C LEU B 5 -12.75 6.64 -9.49
N LEU B 6 -12.34 5.39 -9.37
CA LEU B 6 -12.94 4.46 -8.43
C LEU B 6 -12.02 4.37 -7.23
N THR B 7 -12.45 4.98 -6.13
CA THR B 7 -11.67 5.04 -4.90
C THR B 7 -12.18 4.01 -3.90
N SER B 8 -11.27 3.53 -3.05
CA SER B 8 -11.69 2.75 -1.89
C SER B 8 -12.45 3.62 -0.90
N PHE B 9 -11.80 4.69 -0.42
CA PHE B 9 -12.46 5.75 0.35
C PHE B 9 -11.77 7.05 -0.06
N GLN B 10 -12.18 7.55 -1.22
CA GLN B 10 -11.75 8.83 -1.78
C GLN B 10 -10.27 8.81 -2.11
N HIS B 11 -9.78 9.92 -2.66
CA HIS B 11 -8.39 10.05 -3.05
C HIS B 11 -8.13 11.53 -3.19
N PRO B 12 -6.94 12.01 -2.85
CA PRO B 12 -6.65 13.44 -2.92
C PRO B 12 -6.81 14.05 -4.31
N SER B 13 -6.77 13.26 -5.38
CA SER B 13 -6.82 13.82 -6.72
C SER B 13 -8.24 13.86 -7.30
N MET B 14 -9.27 13.74 -6.46
CA MET B 14 -10.63 13.74 -6.99
C MET B 14 -10.94 15.02 -7.74
N ALA B 15 -10.59 16.16 -7.14
CA ALA B 15 -10.93 17.44 -7.75
C ALA B 15 -10.24 17.60 -9.10
N GLN B 16 -8.95 17.27 -9.18
CA GLN B 16 -8.26 17.38 -10.45
C GLN B 16 -8.86 16.43 -11.47
N PHE B 17 -9.36 15.28 -11.01
CA PHE B 17 -9.98 14.32 -11.91
C PHE B 17 -11.24 14.89 -12.54
N ILE B 18 -12.03 15.65 -11.77
CA ILE B 18 -13.27 16.21 -12.27
C ILE B 18 -13.00 17.26 -13.35
N GLY B 19 -12.01 18.13 -13.13
CA GLY B 19 -11.74 19.23 -14.03
C GLY B 19 -12.71 20.38 -13.93
N GLY B 20 -13.61 20.35 -12.94
CA GLY B 20 -14.55 21.42 -12.67
C GLY B 20 -14.79 21.52 -11.18
N LYS B 21 -15.77 22.31 -10.76
CA LYS B 21 -16.03 22.53 -9.34
C LYS B 21 -17.33 21.92 -8.84
N ARG B 22 -18.28 21.61 -9.73
CA ARG B 22 -19.63 21.22 -9.34
C ARG B 22 -19.76 19.71 -9.51
N VAL B 23 -20.14 19.01 -8.44
CA VAL B 23 -20.25 17.54 -8.43
C VAL B 23 -21.63 17.11 -7.94
N ALA B 24 -22.33 16.31 -8.73
CA ALA B 24 -23.58 15.67 -8.30
C ALA B 24 -23.27 14.53 -7.33
N TYR B 25 -23.84 14.60 -6.13
CA TYR B 25 -23.55 13.65 -5.06
C TYR B 25 -24.73 12.69 -4.92
N ILE B 26 -24.51 11.42 -5.25
CA ILE B 26 -25.56 10.40 -5.20
C ILE B 26 -25.45 9.74 -3.82
N PRO B 27 -26.37 10.00 -2.90
CA PRO B 27 -26.22 9.48 -1.53
C PRO B 27 -26.97 8.18 -1.25
N ASP B 28 -27.68 7.63 -2.23
CA ASP B 28 -28.67 6.61 -1.94
C ASP B 28 -28.07 5.34 -1.33
N ALA B 29 -26.77 5.08 -1.55
CA ALA B 29 -26.16 3.90 -0.97
C ALA B 29 -26.27 3.88 0.54
N ALA B 30 -26.34 5.04 1.18
CA ALA B 30 -26.37 5.13 2.63
C ALA B 30 -27.72 5.59 3.16
N ARG B 31 -28.77 5.54 2.32
CA ARG B 31 -30.05 6.04 2.77
C ARG B 31 -30.59 5.26 3.98
N SER B 32 -30.17 4.00 4.15
CA SER B 32 -30.65 3.24 5.29
C SER B 32 -30.02 3.68 6.60
N TYR B 33 -29.06 4.60 6.56
CA TYR B 33 -28.51 5.19 7.79
C TYR B 33 -28.00 6.59 7.44
N ALA B 34 -28.94 7.47 7.09
CA ALA B 34 -28.56 8.73 6.43
C ALA B 34 -27.64 9.58 7.28
N ASP B 35 -27.91 9.69 8.58
CA ASP B 35 -27.14 10.62 9.43
C ASP B 35 -26.19 9.89 10.38
N PHE B 38 -21.29 11.34 10.71
CA PHE B 38 -20.46 10.14 10.52
C PHE B 38 -20.55 9.65 9.06
N VAL B 39 -21.73 9.81 8.47
CA VAL B 39 -21.90 9.66 7.02
C VAL B 39 -21.43 10.91 6.29
N GLN B 40 -21.36 12.04 6.99
CA GLN B 40 -20.96 13.33 6.44
C GLN B 40 -19.45 13.42 6.20
N LYS B 41 -18.65 12.49 6.72
CA LYS B 41 -17.22 12.52 6.48
C LYS B 41 -16.90 12.55 5.00
N GLU B 42 -17.72 11.85 4.18
CA GLU B 42 -17.47 11.82 2.74
C GLU B 42 -17.68 13.19 2.11
N ARG B 43 -18.77 13.87 2.48
CA ARG B 43 -19.03 15.18 1.90
C ARG B 43 -17.98 16.20 2.34
N GLU B 44 -17.42 16.03 3.54
CA GLU B 44 -16.35 16.94 3.93
C GLU B 44 -15.12 16.71 3.06
N GLY B 45 -14.86 15.45 2.71
CA GLY B 45 -13.70 15.14 1.87
C GLY B 45 -13.75 15.83 0.51
N LEU B 46 -14.90 15.78 -0.16
CA LEU B 46 -15.03 16.43 -1.46
C LEU B 46 -15.00 17.95 -1.31
N GLU B 47 -15.61 18.49 -0.26
CA GLU B 47 -15.61 19.94 -0.09
C GLU B 47 -14.23 20.47 0.25
N LYS B 48 -13.43 19.70 1.01
CA LYS B 48 -12.08 20.16 1.34
C LYS B 48 -11.25 20.39 0.08
N GLN B 49 -11.63 19.80 -1.04
CA GLN B 49 -10.90 19.99 -2.29
C GLN B 49 -11.51 21.09 -3.15
N GLY B 50 -12.48 21.84 -2.62
CA GLY B 50 -13.04 22.96 -3.33
C GLY B 50 -14.21 22.63 -4.23
N LEU B 51 -14.74 21.41 -4.14
CA LEU B 51 -15.87 21.00 -4.96
C LEU B 51 -17.18 21.42 -4.28
N GLU B 52 -18.09 21.97 -5.07
CA GLU B 52 -19.43 22.33 -4.60
C GLU B 52 -20.39 21.22 -4.98
N LEU B 53 -21.02 20.61 -3.98
CA LEU B 53 -21.82 19.42 -4.17
C LEU B 53 -23.30 19.73 -4.39
N ILE B 54 -23.89 19.06 -5.36
CA ILE B 54 -25.32 19.12 -5.62
C ILE B 54 -25.90 17.78 -5.21
N ASN B 55 -26.72 17.78 -4.15
CA ASN B 55 -27.36 16.55 -3.71
C ASN B 55 -28.30 16.03 -4.79
N LEU B 56 -28.24 14.73 -5.05
CA LEU B 56 -29.13 14.08 -6.02
C LEU B 56 -29.55 12.72 -5.47
N PRO B 57 -30.56 12.70 -4.60
CA PRO B 57 -31.06 11.42 -4.07
C PRO B 57 -31.96 10.77 -5.09
N LEU B 58 -31.49 9.67 -5.68
CA LEU B 58 -32.26 9.05 -6.74
C LEU B 58 -33.58 8.48 -6.23
N SER B 59 -33.63 8.10 -4.96
CA SER B 59 -34.89 7.62 -4.39
C SER B 59 -35.95 8.71 -4.34
N HIS B 60 -35.54 9.97 -4.34
CA HIS B 60 -36.46 11.08 -4.14
C HIS B 60 -36.50 12.05 -5.33
N THR B 61 -36.07 11.60 -6.51
CA THR B 61 -35.96 12.48 -7.68
C THR B 61 -36.55 11.77 -8.90
N ASP B 62 -37.45 12.47 -9.61
CA ASP B 62 -37.99 11.93 -10.85
C ASP B 62 -36.89 11.83 -11.90
N LEU B 63 -37.01 10.84 -12.80
CA LEU B 63 -35.94 10.58 -13.77
C LEU B 63 -35.71 11.78 -14.68
N ALA B 64 -36.73 12.60 -14.92
CA ALA B 64 -36.50 13.80 -15.69
C ALA B 64 -35.55 14.73 -14.96
N ALA B 65 -35.63 14.75 -13.63
CA ALA B 65 -34.80 15.64 -12.84
C ALA B 65 -33.40 15.08 -12.64
N VAL B 66 -33.24 13.76 -12.53
CA VAL B 66 -31.89 13.20 -12.51
C VAL B 66 -31.15 13.50 -13.81
N GLU B 67 -31.84 13.43 -14.95
CA GLU B 67 -31.16 13.68 -16.22
C GLU B 67 -30.69 15.13 -16.32
N THR B 68 -31.57 16.09 -16.03
CA THR B 68 -31.16 17.47 -16.15
C THR B 68 -30.11 17.84 -15.10
N THR B 69 -30.20 17.26 -13.91
CA THR B 69 -29.18 17.55 -12.90
C THR B 69 -27.82 17.09 -13.40
N LEU B 70 -27.73 15.83 -13.83
CA LEU B 70 -26.47 15.27 -14.32
C LEU B 70 -25.96 16.00 -15.56
N ASN B 71 -26.78 16.86 -16.17
CA ASN B 71 -26.39 17.60 -17.36
C ASN B 71 -25.92 19.01 -17.05
N ALA B 72 -25.99 19.45 -15.80
CA ALA B 72 -25.51 20.76 -15.41
C ALA B 72 -24.29 20.67 -14.51
N VAL B 73 -23.74 19.48 -14.34
CA VAL B 73 -22.65 19.24 -13.40
C VAL B 73 -21.41 18.81 -14.17
N ASP B 74 -20.24 19.00 -13.55
CA ASP B 74 -18.97 18.61 -14.15
C ASP B 74 -18.56 17.17 -13.86
N GLY B 75 -19.25 16.50 -12.94
CA GLY B 75 -18.91 15.14 -12.58
C GLY B 75 -19.94 14.64 -11.59
N VAL B 76 -19.86 13.35 -11.32
CA VAL B 76 -20.80 12.69 -10.42
C VAL B 76 -20.03 11.86 -9.42
N TYR B 77 -20.52 11.83 -8.19
CA TYR B 77 -19.92 11.10 -7.09
C TYR B 77 -20.99 10.17 -6.54
N VAL B 78 -20.66 8.89 -6.43
CA VAL B 78 -21.57 7.87 -5.93
C VAL B 78 -21.00 7.41 -4.60
N ALA B 79 -21.66 7.78 -3.51
CA ALA B 79 -21.11 7.62 -2.16
C ALA B 79 -21.20 6.17 -1.69
N GLY B 80 -20.45 5.86 -0.64
CA GLY B 80 -20.48 4.54 -0.07
C GLY B 80 -21.75 4.25 0.68
N GLY B 81 -21.88 3.00 1.09
CA GLY B 81 -23.03 2.53 1.84
C GLY B 81 -23.26 1.05 1.57
N GLU B 82 -24.54 0.70 1.42
CA GLU B 82 -24.93 -0.67 1.11
C GLU B 82 -24.99 -0.85 -0.40
N THR B 83 -24.03 -1.62 -0.93
CA THR B 83 -23.95 -1.82 -2.38
C THR B 83 -25.25 -2.40 -2.92
N PHE B 84 -25.84 -3.36 -2.20
CA PHE B 84 -27.05 -4.01 -2.71
C PHE B 84 -28.23 -3.06 -2.65
N ASP B 85 -28.24 -2.15 -1.69
CA ASP B 85 -29.30 -1.16 -1.65
C ASP B 85 -29.07 -0.09 -2.71
N LEU B 86 -27.81 0.22 -3.01
CA LEU B 86 -27.53 1.23 -4.03
C LEU B 86 -27.96 0.76 -5.41
N LEU B 87 -27.65 -0.50 -5.76
CA LEU B 87 -28.02 -1.00 -7.08
C LEU B 87 -29.51 -1.24 -7.20
N GLN B 88 -30.13 -1.73 -6.14
CA GLN B 88 -31.59 -1.83 -6.11
C GLN B 88 -32.22 -0.48 -6.40
N VAL B 89 -31.71 0.59 -5.77
CA VAL B 89 -32.18 1.93 -6.09
C VAL B 89 -31.93 2.24 -7.55
N LEU B 90 -30.69 2.05 -8.01
CA LEU B 90 -30.32 2.37 -9.39
C LEU B 90 -31.22 1.64 -10.38
N ARG B 91 -31.54 0.38 -10.09
CA ARG B 91 -32.33 -0.40 -11.02
C ARG B 91 -33.79 0.02 -10.98
N SER B 92 -34.32 0.30 -9.79
CA SER B 92 -35.72 0.65 -9.64
C SER B 92 -36.03 2.04 -10.19
N THR B 93 -35.24 3.05 -9.80
CA THR B 93 -35.30 4.37 -10.42
C THR B 93 -35.27 4.30 -11.94
N GLY B 94 -34.49 3.36 -12.49
CA GLY B 94 -34.13 3.47 -13.89
C GLY B 94 -33.00 4.43 -14.13
N SER B 95 -32.45 5.06 -13.07
CA SER B 95 -31.31 5.95 -13.18
C SER B 95 -30.01 5.21 -13.46
N ASP B 96 -30.02 3.89 -13.40
CA ASP B 96 -28.86 3.12 -13.86
C ASP B 96 -28.62 3.35 -15.35
N LYS B 97 -29.70 3.38 -16.15
CA LYS B 97 -29.57 3.66 -17.58
C LYS B 97 -29.13 5.10 -17.82
N VAL B 98 -29.64 6.04 -17.01
CA VAL B 98 -29.31 7.45 -17.22
C VAL B 98 -27.85 7.71 -16.87
N ILE B 99 -27.41 7.23 -15.70
CA ILE B 99 -26.04 7.46 -15.27
C ILE B 99 -25.06 6.80 -16.23
N THR B 100 -25.32 5.54 -16.59
CA THR B 100 -24.46 4.86 -17.55
C THR B 100 -24.35 5.64 -18.84
N ARG B 101 -25.48 6.07 -19.40
CA ARG B 101 -25.42 6.80 -20.67
C ARG B 101 -24.63 8.09 -20.51
N ARG B 102 -24.88 8.84 -19.43
CA ARG B 102 -24.21 10.13 -19.25
C ARG B 102 -22.72 9.94 -19.01
N VAL B 103 -22.33 8.91 -18.25
CA VAL B 103 -20.90 8.65 -18.03
C VAL B 103 -20.21 8.29 -19.34
N ARG B 104 -20.85 7.42 -20.13
CA ARG B 104 -20.29 7.03 -21.43
C ARG B 104 -20.23 8.21 -22.39
N GLN B 105 -21.01 9.26 -22.15
CA GLN B 105 -20.90 10.47 -22.96
C GLN B 105 -19.77 11.38 -22.50
N GLY B 106 -19.00 10.97 -21.49
CA GLY B 106 -17.83 11.69 -21.03
C GLY B 106 -17.96 12.34 -19.67
N LEU B 107 -19.07 12.14 -18.95
CA LEU B 107 -19.22 12.76 -17.63
C LEU B 107 -18.39 12.00 -16.61
N PRO B 108 -17.38 12.63 -16.01
CA PRO B 108 -16.52 11.88 -15.08
C PRO B 108 -17.28 11.38 -13.86
N TYR B 109 -16.91 10.17 -13.44
CA TYR B 109 -17.59 9.40 -12.41
C TYR B 109 -16.59 9.06 -11.31
N ILE B 110 -16.87 9.50 -10.09
CA ILE B 110 -16.08 9.11 -8.93
C ILE B 110 -16.89 8.11 -8.13
N GLY B 111 -16.29 6.98 -7.82
CA GLY B 111 -16.91 5.99 -6.97
C GLY B 111 -16.19 5.92 -5.63
N CYS B 112 -16.95 5.69 -4.58
CA CYS B 112 -16.41 5.48 -3.25
C CYS B 112 -17.04 4.23 -2.65
N SER B 113 -16.20 3.27 -2.26
CA SER B 113 -16.69 2.03 -1.69
C SER B 113 -17.77 1.42 -2.57
N ALA B 114 -19.03 1.46 -2.10
CA ALA B 114 -20.12 0.90 -2.90
C ALA B 114 -20.25 1.60 -4.24
N GLY B 115 -19.87 2.88 -4.31
CA GLY B 115 -19.89 3.56 -5.59
C GLY B 115 -18.89 2.98 -6.59
N SER B 116 -17.79 2.43 -6.09
CA SER B 116 -16.78 1.88 -6.98
C SER B 116 -17.16 0.48 -7.41
N VAL B 117 -17.92 -0.22 -6.57
CA VAL B 117 -18.26 -1.61 -6.87
C VAL B 117 -19.33 -1.69 -7.95
N VAL B 118 -20.33 -0.81 -7.90
CA VAL B 118 -21.41 -0.84 -8.88
C VAL B 118 -20.98 -0.43 -10.27
N ALA B 119 -19.83 0.24 -10.40
CA ALA B 119 -19.29 0.55 -11.72
C ALA B 119 -18.78 -0.71 -12.44
N GLY B 120 -18.55 -1.80 -11.70
CA GLY B 120 -17.95 -2.98 -12.30
C GLY B 120 -18.94 -3.93 -12.90
N PRO B 121 -18.52 -5.17 -13.15
CA PRO B 121 -19.39 -6.12 -13.85
C PRO B 121 -20.52 -6.65 -13.00
N THR B 122 -20.33 -6.75 -11.69
CA THR B 122 -21.34 -7.31 -10.82
C THR B 122 -21.09 -6.77 -9.42
N ILE B 123 -22.13 -6.84 -8.58
CA ILE B 123 -21.93 -6.55 -7.16
C ILE B 123 -21.91 -7.82 -6.32
N GLU B 124 -22.06 -8.99 -6.94
CA GLU B 124 -22.15 -10.21 -6.16
C GLU B 124 -20.85 -10.53 -5.41
N ALA B 125 -19.71 -10.04 -5.89
CA ALA B 125 -18.47 -10.35 -5.20
C ALA B 125 -18.35 -9.65 -3.85
N VAL B 126 -19.21 -8.69 -3.52
CA VAL B 126 -19.14 -8.07 -2.21
C VAL B 126 -20.22 -8.61 -1.27
N SER B 127 -20.86 -9.72 -1.64
CA SER B 127 -21.95 -10.20 -0.79
C SER B 127 -21.48 -10.73 0.56
N LEU B 128 -20.18 -10.86 0.78
CA LEU B 128 -19.70 -11.13 2.13
C LEU B 128 -19.31 -9.86 2.88
N MET B 129 -19.36 -8.71 2.20
CA MET B 129 -19.06 -7.44 2.84
C MET B 129 -20.31 -6.62 3.13
N ASP B 130 -21.13 -6.38 2.12
CA ASP B 130 -22.42 -5.73 2.26
C ASP B 130 -23.50 -6.80 2.26
N SER B 131 -24.53 -6.59 3.04
CA SER B 131 -25.58 -7.58 3.15
C SER B 131 -26.47 -7.55 1.91
N PRO B 132 -26.71 -8.69 1.27
CA PRO B 132 -27.70 -8.74 0.19
C PRO B 132 -29.12 -8.78 0.70
N ASP B 133 -29.32 -8.93 2.01
CA ASP B 133 -30.67 -9.04 2.57
C ASP B 133 -31.44 -7.72 2.56
N ILE B 134 -30.74 -6.58 2.43
CA ILE B 134 -31.39 -5.27 2.37
C ILE B 134 -32.13 -5.06 1.06
N ALA B 135 -31.90 -5.93 0.08
CA ALA B 135 -32.57 -5.85 -1.23
C ALA B 135 -33.13 -7.22 -1.58
N PRO B 136 -34.09 -7.73 -0.81
CA PRO B 136 -34.58 -9.10 -1.06
C PRO B 136 -35.23 -9.25 -2.42
N ASP B 137 -35.69 -8.17 -3.03
CA ASP B 137 -36.35 -8.25 -4.33
C ASP B 137 -35.41 -7.91 -5.48
N LEU B 138 -34.10 -7.82 -5.22
CA LEU B 138 -33.13 -7.60 -6.27
C LEU B 138 -32.73 -8.95 -6.85
N LYS B 139 -33.12 -9.17 -8.10
CA LYS B 139 -32.83 -10.44 -8.76
C LYS B 139 -31.46 -10.44 -9.43
N ASP B 140 -31.17 -9.43 -10.23
CA ASP B 140 -29.95 -9.39 -11.05
C ASP B 140 -28.90 -8.52 -10.38
N TYR B 141 -27.71 -9.09 -10.17
CA TYR B 141 -26.59 -8.43 -9.51
C TYR B 141 -25.64 -7.75 -10.47
N THR B 142 -25.96 -7.70 -11.76
CA THR B 142 -25.09 -7.06 -12.73
C THR B 142 -24.92 -5.57 -12.44
N GLY B 143 -23.69 -5.08 -12.56
CA GLY B 143 -23.38 -3.68 -12.35
C GLY B 143 -23.58 -2.86 -13.61
N LEU B 144 -23.02 -1.63 -13.56
CA LEU B 144 -23.12 -0.72 -14.70
C LEU B 144 -22.22 -1.11 -15.85
N GLY B 145 -21.22 -1.95 -15.61
CA GLY B 145 -20.33 -2.38 -16.68
C GLY B 145 -19.38 -1.30 -17.17
N LEU B 146 -19.15 -0.24 -16.39
CA LEU B 146 -18.18 0.79 -16.76
C LEU B 146 -16.74 0.31 -16.63
N THR B 147 -16.46 -0.69 -15.81
CA THR B 147 -15.11 -1.24 -15.77
C THR B 147 -15.20 -2.75 -15.79
N GLU B 148 -14.11 -3.37 -16.25
CA GLU B 148 -14.01 -4.82 -16.20
C GLU B 148 -13.60 -5.28 -14.82
N LEU B 149 -13.03 -4.39 -14.01
CA LEU B 149 -12.51 -4.74 -12.70
C LEU B 149 -13.60 -4.83 -11.64
N ALA B 150 -13.54 -5.88 -10.83
CA ALA B 150 -14.46 -6.06 -9.71
C ALA B 150 -13.74 -5.53 -8.47
N VAL B 151 -14.05 -4.28 -8.08
CA VAL B 151 -13.35 -3.59 -7.02
C VAL B 151 -13.75 -4.16 -5.66
N ILE B 152 -12.75 -4.52 -4.86
CA ILE B 152 -12.99 -4.95 -3.49
C ILE B 152 -12.35 -3.93 -2.56
N PRO B 153 -13.13 -3.04 -1.98
CA PRO B 153 -12.57 -1.91 -1.23
C PRO B 153 -12.18 -2.33 0.19
N HIS B 154 -11.44 -1.44 0.84
CA HIS B 154 -10.98 -1.62 2.23
C HIS B 154 -10.19 -2.92 2.40
N ALA B 155 -9.38 -3.26 1.40
CA ALA B 155 -8.67 -4.53 1.41
C ALA B 155 -7.63 -4.62 2.53
N SER B 156 -7.29 -3.49 3.15
CA SER B 156 -6.35 -3.48 4.25
C SER B 156 -6.91 -4.15 5.49
N GLY B 157 -8.24 -4.28 5.59
CA GLY B 157 -8.83 -4.82 6.79
C GLY B 157 -8.90 -3.80 7.90
N SER B 158 -8.91 -2.52 7.57
CA SER B 158 -8.78 -1.44 8.53
C SER B 158 -10.10 -0.88 9.08
N ILE B 159 -11.26 -1.33 8.58
CA ILE B 159 -12.55 -0.94 9.15
C ILE B 159 -13.06 -2.21 9.83
N SER B 160 -13.53 -2.16 11.09
CA SER B 160 -13.84 -3.46 11.72
C SER B 160 -14.98 -4.19 11.03
N GLN B 161 -15.87 -3.44 10.37
CA GLN B 161 -16.98 -4.10 9.69
C GLN B 161 -16.48 -4.92 8.51
N PHE B 162 -15.27 -4.66 8.04
CA PHE B 162 -14.68 -5.38 6.93
C PHE B 162 -13.28 -5.84 7.34
N PRO B 163 -13.19 -6.81 8.26
CA PRO B 163 -11.88 -7.31 8.69
C PRO B 163 -11.23 -8.22 7.64
N ILE B 164 -9.92 -8.41 7.81
CA ILE B 164 -9.11 -9.11 6.81
C ILE B 164 -9.58 -10.53 6.61
N GLU B 165 -10.20 -11.14 7.63
CA GLU B 165 -10.79 -12.47 7.43
C GLU B 165 -11.89 -12.40 6.39
N THR B 166 -12.61 -11.29 6.34
CA THR B 166 -13.70 -11.14 5.39
C THR B 166 -13.20 -10.80 3.99
N ILE B 167 -12.12 -10.01 3.90
CA ILE B 167 -11.46 -9.77 2.62
C ILE B 167 -10.90 -11.07 2.05
N ALA B 168 -10.30 -11.90 2.90
CA ALA B 168 -9.79 -13.19 2.44
C ALA B 168 -10.92 -14.10 2.00
N ASP B 169 -12.02 -14.15 2.77
CA ASP B 169 -13.16 -14.97 2.40
C ASP B 169 -13.74 -14.53 1.08
N THR B 170 -13.74 -13.22 0.83
CA THR B 170 -14.19 -12.71 -0.46
C THR B 170 -13.35 -13.25 -1.60
N VAL B 171 -12.03 -13.28 -1.40
CA VAL B 171 -11.15 -13.79 -2.43
C VAL B 171 -11.34 -15.30 -2.60
N ARG B 172 -11.47 -16.03 -1.49
CA ARG B 172 -11.73 -17.46 -1.61
C ARG B 172 -13.00 -17.73 -2.40
N THR B 173 -14.02 -16.91 -2.19
CA THR B 173 -15.35 -17.16 -2.71
C THR B 173 -15.53 -16.65 -4.14
N TYR B 174 -14.89 -15.52 -4.50
CA TYR B 174 -15.10 -14.89 -5.79
C TYR B 174 -13.84 -14.66 -6.61
N GLY B 175 -12.66 -15.02 -6.09
CA GLY B 175 -11.43 -14.72 -6.80
C GLY B 175 -11.27 -15.46 -8.11
N GLU B 176 -11.89 -16.64 -8.25
CA GLU B 176 -11.67 -17.37 -9.50
C GLU B 176 -12.53 -16.81 -10.64
N ARG B 177 -13.81 -16.54 -10.40
CA ARG B 177 -14.67 -16.15 -11.52
C ARG B 177 -14.57 -14.67 -11.86
N TRP B 178 -14.26 -13.80 -10.90
CA TRP B 178 -14.23 -12.39 -11.28
C TRP B 178 -12.84 -11.77 -11.08
N PRO B 179 -12.47 -10.81 -11.92
CA PRO B 179 -11.15 -10.18 -11.78
C PRO B 179 -11.15 -9.23 -10.60
N LEU B 180 -11.01 -9.80 -9.40
CA LEU B 180 -11.01 -9.01 -8.18
C LEU B 180 -9.82 -8.05 -8.19
N CYS B 181 -10.08 -6.82 -7.75
CA CYS B 181 -9.05 -5.81 -7.58
C CYS B 181 -9.14 -5.26 -6.16
N LEU B 182 -8.14 -5.58 -5.34
CA LEU B 182 -8.08 -5.12 -3.96
C LEU B 182 -7.64 -3.66 -3.88
N LEU B 183 -8.52 -2.78 -3.40
CA LEU B 183 -8.14 -1.41 -3.13
C LEU B 183 -8.15 -1.19 -1.63
N ARG B 184 -7.05 -0.69 -1.11
CA ARG B 184 -6.96 -0.29 0.28
C ARG B 184 -7.35 1.17 0.42
N ASP B 185 -7.81 1.57 1.60
CA ASP B 185 -8.14 2.98 1.78
C ASP B 185 -6.92 3.84 1.48
N GLY B 186 -7.13 4.83 0.61
CA GLY B 186 -6.07 5.63 0.07
C GLY B 186 -5.78 5.35 -1.38
N GLN B 187 -6.06 4.13 -1.84
CA GLN B 187 -5.84 3.78 -3.24
C GLN B 187 -7.06 4.14 -4.11
N ALA B 188 -6.81 4.23 -5.41
CA ALA B 188 -7.89 4.51 -6.34
C ALA B 188 -7.49 4.03 -7.73
N LEU B 189 -8.50 3.69 -8.52
CA LEU B 189 -8.30 3.33 -9.93
C LEU B 189 -8.67 4.54 -10.78
N TRP B 190 -7.67 5.09 -11.47
CA TRP B 190 -7.91 6.16 -12.43
C TRP B 190 -7.99 5.49 -13.80
N ILE B 191 -9.22 5.27 -14.25
CA ILE B 191 -9.52 4.60 -15.51
C ILE B 191 -9.96 5.64 -16.54
N GLU B 192 -9.34 5.61 -17.71
CA GLU B 192 -9.63 6.59 -18.76
C GLU B 192 -9.60 5.87 -20.10
N ASP B 193 -10.79 5.56 -20.65
CA ASP B 193 -10.97 4.89 -21.93
C ASP B 193 -10.02 3.68 -22.08
N GLY B 194 -10.15 2.74 -21.15
CA GLY B 194 -9.40 1.51 -21.21
C GLY B 194 -8.08 1.52 -20.45
N GLU B 195 -7.38 2.66 -20.38
CA GLU B 195 -6.13 2.70 -19.62
C GLU B 195 -6.47 2.75 -18.13
N VAL B 196 -5.92 1.80 -17.37
CA VAL B 196 -6.22 1.64 -15.95
C VAL B 196 -4.98 2.01 -15.15
N ARG B 197 -5.08 3.10 -14.38
CA ARG B 197 -3.99 3.50 -13.49
C ARG B 197 -4.37 3.17 -12.05
N LEU B 198 -3.47 2.51 -11.34
CA LEU B 198 -3.66 2.18 -9.93
C LEU B 198 -2.87 3.18 -9.10
N LEU B 199 -3.58 4.03 -8.36
CA LEU B 199 -2.94 5.08 -7.57
C LEU B 199 -2.97 4.76 -6.09
N ASN B 200 -1.86 5.11 -5.42
CA ASN B 200 -1.76 5.19 -3.97
C ASN B 200 -1.99 6.64 -3.56
N LEU B 201 -1.90 6.91 -2.25
CA LEU B 201 -2.12 8.29 -1.78
C LEU B 201 -1.14 9.27 -2.38
N GLU B 202 0.14 8.90 -2.45
CA GLU B 202 1.17 9.86 -2.84
C GLU B 202 1.14 10.18 -4.32
N HIS B 203 0.30 9.53 -5.11
CA HIS B 203 0.33 9.70 -6.57
C HIS B 203 -0.52 10.91 -6.97
N HIS B 204 0.03 12.10 -6.67
CA HIS B 204 -0.53 13.36 -7.11
C HIS B 204 0.52 14.46 -7.05
N VAL C 2 13.06 5.22 -14.55
CA VAL C 2 12.84 3.94 -13.87
C VAL C 2 11.60 3.23 -14.43
N ARG C 3 11.80 2.05 -15.01
CA ARG C 3 10.78 1.35 -15.78
C ARG C 3 10.65 -0.10 -15.30
N LEU C 4 9.47 -0.49 -14.83
CA LEU C 4 9.22 -1.88 -14.48
C LEU C 4 8.04 -2.42 -15.26
N LEU C 5 8.10 -3.71 -15.57
CA LEU C 5 6.96 -4.46 -16.08
C LEU C 5 6.89 -5.70 -15.19
N LEU C 6 5.98 -5.71 -14.22
CA LEU C 6 5.85 -6.82 -13.28
C LEU C 6 4.68 -7.68 -13.71
N THR C 7 4.97 -8.86 -14.26
CA THR C 7 3.96 -9.76 -14.77
C THR C 7 3.67 -10.88 -13.79
N SER C 8 2.43 -11.38 -13.85
CA SER C 8 2.09 -12.65 -13.19
C SER C 8 2.77 -13.80 -13.90
N PHE C 9 2.49 -13.95 -15.21
CA PHE C 9 3.25 -14.87 -16.06
C PHE C 9 3.32 -14.24 -17.46
N GLN C 10 4.29 -13.33 -17.62
CA GLN C 10 4.60 -12.68 -18.88
C GLN C 10 3.43 -11.84 -19.37
N HIS C 11 3.61 -11.16 -20.50
CA HIS C 11 2.59 -10.29 -21.04
C HIS C 11 2.93 -9.98 -22.49
N PRO C 12 1.94 -9.81 -23.36
CA PRO C 12 2.25 -9.56 -24.76
C PRO C 12 3.10 -8.32 -25.01
N SER C 13 3.14 -7.35 -24.10
CA SER C 13 3.86 -6.11 -24.39
C SER C 13 5.29 -6.10 -23.85
N MET C 14 5.86 -7.26 -23.53
CA MET C 14 7.20 -7.28 -22.97
C MET C 14 8.22 -6.67 -23.93
N ALA C 15 8.17 -7.07 -25.20
CA ALA C 15 9.10 -6.52 -26.17
C ALA C 15 8.88 -5.02 -26.36
N GLN C 16 7.63 -4.59 -26.47
CA GLN C 16 7.37 -3.15 -26.61
C GLN C 16 7.83 -2.39 -25.38
N PHE C 17 7.75 -3.03 -24.21
CA PHE C 17 8.21 -2.40 -22.98
C PHE C 17 9.72 -2.23 -22.99
N ILE C 18 10.45 -3.23 -23.48
CA ILE C 18 11.91 -3.14 -23.48
C ILE C 18 12.39 -2.05 -24.43
N GLY C 19 11.81 -1.99 -25.63
CA GLY C 19 12.26 -1.05 -26.63
C GLY C 19 13.54 -1.43 -27.35
N GLY C 20 14.06 -2.63 -27.10
CA GLY C 20 15.25 -3.11 -27.79
C GLY C 20 15.14 -4.61 -28.03
N LYS C 21 16.23 -5.25 -28.48
CA LYS C 21 16.17 -6.67 -28.78
C LYS C 21 16.88 -7.54 -27.75
N ARG C 22 17.80 -6.98 -26.97
CA ARG C 22 18.67 -7.76 -26.11
C ARG C 22 18.22 -7.63 -24.66
N VAL C 23 17.92 -8.78 -24.03
CA VAL C 23 17.48 -8.84 -22.64
C VAL C 23 18.38 -9.82 -21.89
N ALA C 24 18.94 -9.37 -20.77
CA ALA C 24 19.66 -10.27 -19.88
C ALA C 24 18.63 -11.07 -19.08
N TYR C 25 18.67 -12.40 -19.22
CA TYR C 25 17.67 -13.29 -18.62
C TYR C 25 18.28 -13.91 -17.38
N ILE C 26 17.73 -13.59 -16.21
CA ILE C 26 18.24 -14.08 -14.94
C ILE C 26 17.43 -15.31 -14.54
N PRO C 27 18.00 -16.52 -14.60
CA PRO C 27 17.25 -17.75 -14.38
C PRO C 27 17.34 -18.34 -12.97
N ASP C 28 18.05 -17.69 -12.05
CA ASP C 28 18.44 -18.36 -10.82
C ASP C 28 17.23 -18.77 -9.99
N ALA C 29 16.09 -18.09 -10.16
CA ALA C 29 14.91 -18.45 -9.39
C ALA C 29 14.51 -19.90 -9.61
N ALA C 30 14.84 -20.45 -10.77
CA ALA C 30 14.49 -21.82 -11.14
C ALA C 30 15.70 -22.75 -11.23
N ARG C 31 16.83 -22.37 -10.63
CA ARG C 31 18.03 -23.17 -10.77
C ARG C 31 17.84 -24.59 -10.23
N SER C 32 16.92 -24.79 -9.30
CA SER C 32 16.65 -26.14 -8.78
C SER C 32 15.86 -27.01 -9.75
N TYR C 33 15.42 -26.48 -10.91
CA TYR C 33 14.80 -27.29 -11.97
C TYR C 33 15.04 -26.54 -13.28
N ALA C 34 16.31 -26.52 -13.70
CA ALA C 34 16.78 -25.57 -14.71
C ALA C 34 16.04 -25.71 -16.04
N ASP C 35 15.73 -26.93 -16.48
CA ASP C 35 15.15 -27.10 -17.80
C ASP C 35 13.68 -27.54 -17.74
N ALA C 36 12.99 -27.25 -16.64
CA ALA C 36 11.62 -27.71 -16.46
C ALA C 36 10.74 -27.17 -17.59
N PRO C 37 9.72 -27.94 -18.00
CA PRO C 37 8.86 -27.50 -19.11
C PRO C 37 8.39 -26.05 -18.99
N PHE C 38 7.87 -25.63 -17.82
CA PHE C 38 7.43 -24.23 -17.75
C PHE C 38 8.59 -23.24 -17.70
N VAL C 39 9.83 -23.71 -17.50
CA VAL C 39 10.97 -22.80 -17.71
C VAL C 39 11.23 -22.64 -19.19
N GLN C 40 10.94 -23.67 -20.00
CA GLN C 40 11.14 -23.49 -21.44
C GLN C 40 9.99 -22.72 -22.05
N LYS C 41 8.80 -22.80 -21.46
CA LYS C 41 7.70 -21.96 -21.90
C LYS C 41 8.06 -20.49 -21.72
N GLU C 42 8.76 -20.17 -20.63
CA GLU C 42 9.11 -18.79 -20.33
C GLU C 42 10.09 -18.21 -21.33
N ARG C 43 11.13 -18.96 -21.71
CA ARG C 43 12.07 -18.37 -22.66
C ARG C 43 11.47 -18.21 -24.04
N GLU C 44 10.60 -19.12 -24.47
CA GLU C 44 9.99 -18.98 -25.78
C GLU C 44 9.02 -17.79 -25.81
N GLY C 45 8.35 -17.52 -24.68
CA GLY C 45 7.48 -16.34 -24.62
C GLY C 45 8.22 -15.06 -24.93
N LEU C 46 9.41 -14.88 -24.35
CA LEU C 46 10.21 -13.72 -24.69
C LEU C 46 10.76 -13.83 -26.11
N GLU C 47 11.18 -15.03 -26.51
CA GLU C 47 11.77 -15.18 -27.83
C GLU C 47 10.74 -15.03 -28.93
N LYS C 48 9.52 -15.53 -28.70
CA LYS C 48 8.48 -15.41 -29.72
C LYS C 48 8.18 -13.95 -30.05
N GLN C 49 8.51 -13.02 -29.14
CA GLN C 49 8.28 -11.60 -29.37
C GLN C 49 9.51 -10.90 -29.93
N GLY C 50 10.51 -11.65 -30.36
CA GLY C 50 11.67 -11.08 -31.02
C GLY C 50 12.80 -10.66 -30.12
N LEU C 51 12.74 -10.98 -28.83
CA LEU C 51 13.83 -10.66 -27.92
C LEU C 51 14.89 -11.75 -27.99
N GLU C 52 16.15 -11.34 -28.06
CA GLU C 52 17.24 -12.28 -27.97
C GLU C 52 17.79 -12.24 -26.55
N LEU C 53 17.76 -13.38 -25.88
CA LEU C 53 18.09 -13.45 -24.46
C LEU C 53 19.56 -13.73 -24.26
N ILE C 54 20.14 -13.00 -23.33
CA ILE C 54 21.52 -13.18 -22.91
C ILE C 54 21.45 -13.82 -21.53
N ASN C 55 21.79 -15.10 -21.44
CA ASN C 55 21.72 -15.78 -20.16
C ASN C 55 22.66 -15.12 -19.16
N LEU C 56 22.17 -14.92 -17.94
CA LEU C 56 22.95 -14.30 -16.87
C LEU C 56 22.64 -15.01 -15.56
N PRO C 57 23.29 -16.15 -15.31
CA PRO C 57 23.12 -16.87 -14.04
C PRO C 57 23.92 -16.22 -12.94
N LEU C 58 23.25 -15.62 -11.97
CA LEU C 58 23.95 -14.89 -10.92
C LEU C 58 24.76 -15.82 -10.02
N SER C 59 24.35 -17.09 -9.89
CA SER C 59 25.11 -18.04 -9.08
C SER C 59 26.50 -18.31 -9.62
N HIS C 60 26.72 -18.15 -10.93
CA HIS C 60 27.94 -18.58 -11.59
C HIS C 60 28.71 -17.42 -12.19
N THR C 61 28.46 -16.19 -11.74
CA THR C 61 29.01 -15.01 -12.40
C THR C 61 29.60 -14.04 -11.40
N ASP C 62 30.84 -13.60 -11.67
CA ASP C 62 31.47 -12.57 -10.86
C ASP C 62 30.75 -11.24 -11.04
N LEU C 63 30.77 -10.41 -9.98
CA LEU C 63 30.01 -9.17 -10.00
C LEU C 63 30.50 -8.22 -11.09
N ALA C 64 31.76 -8.35 -11.51
CA ALA C 64 32.23 -7.55 -12.64
C ALA C 64 31.53 -7.96 -13.93
N ALA C 65 31.24 -9.25 -14.08
CA ALA C 65 30.65 -9.71 -15.34
C ALA C 65 29.15 -9.45 -15.41
N VAL C 66 28.44 -9.49 -14.29
CA VAL C 66 27.03 -9.09 -14.33
C VAL C 66 26.90 -7.64 -14.80
N GLU C 67 27.79 -6.78 -14.33
CA GLU C 67 27.76 -5.39 -14.77
C GLU C 67 28.12 -5.27 -16.24
N THR C 68 29.09 -6.04 -16.71
CA THR C 68 29.46 -5.95 -18.13
C THR C 68 28.30 -6.39 -19.02
N THR C 69 27.60 -7.46 -18.63
CA THR C 69 26.43 -7.87 -19.40
C THR C 69 25.29 -6.86 -19.26
N LEU C 70 24.98 -6.43 -18.03
CA LEU C 70 23.86 -5.51 -17.85
C LEU C 70 24.07 -4.17 -18.55
N ASN C 71 25.28 -3.86 -19.01
CA ASN C 71 25.51 -2.60 -19.71
C ASN C 71 25.52 -2.79 -21.22
N ALA C 72 25.35 -4.02 -21.69
CA ALA C 72 25.26 -4.30 -23.11
C ALA C 72 23.87 -4.75 -23.54
N VAL C 73 22.89 -4.70 -22.63
CA VAL C 73 21.55 -5.18 -22.91
C VAL C 73 20.58 -4.03 -22.81
N ASP C 74 19.43 -4.19 -23.46
CA ASP C 74 18.36 -3.18 -23.42
C ASP C 74 17.43 -3.36 -22.24
N GLY C 75 17.56 -4.45 -21.49
CA GLY C 75 16.67 -4.70 -20.37
C GLY C 75 17.09 -5.98 -19.66
N VAL C 76 16.41 -6.22 -18.54
CA VAL C 76 16.65 -7.42 -17.73
C VAL C 76 15.32 -8.08 -17.37
N TYR C 77 15.31 -9.41 -17.41
CA TYR C 77 14.15 -10.22 -17.13
C TYR C 77 14.50 -11.18 -16.00
N VAL C 78 13.71 -11.19 -14.95
CA VAL C 78 13.97 -12.04 -13.79
C VAL C 78 12.88 -13.11 -13.77
N ALA C 79 13.26 -14.33 -14.10
CA ALA C 79 12.33 -15.40 -14.39
C ALA C 79 11.67 -15.94 -13.11
N GLY C 80 10.58 -16.68 -13.30
CA GLY C 80 9.90 -17.31 -12.19
C GLY C 80 10.69 -18.48 -11.61
N GLY C 81 10.16 -19.02 -10.52
CA GLY C 81 10.81 -20.14 -9.86
C GLY C 81 10.53 -20.20 -8.37
N GLU C 82 11.58 -20.42 -7.57
CA GLU C 82 11.47 -20.37 -6.12
C GLU C 82 11.84 -18.97 -5.66
N THR C 83 10.84 -18.22 -5.18
CA THR C 83 11.09 -16.86 -4.75
C THR C 83 12.16 -16.81 -3.67
N PHE C 84 12.12 -17.73 -2.71
CA PHE C 84 13.07 -17.67 -1.61
C PHE C 84 14.48 -18.03 -2.07
N ASP C 85 14.61 -18.90 -3.07
CA ASP C 85 15.93 -19.22 -3.59
C ASP C 85 16.47 -18.09 -4.46
N LEU C 86 15.59 -17.35 -5.14
CA LEU C 86 16.03 -16.22 -5.94
C LEU C 86 16.60 -15.10 -5.08
N LEU C 87 15.91 -14.75 -3.98
CA LEU C 87 16.41 -13.68 -3.12
C LEU C 87 17.65 -14.14 -2.36
N GLN C 88 17.67 -15.41 -1.96
CA GLN C 88 18.87 -16.00 -1.36
C GLN C 88 20.07 -15.80 -2.27
N VAL C 89 19.91 -16.11 -3.55
CA VAL C 89 20.99 -15.87 -4.50
C VAL C 89 21.33 -14.39 -4.54
N LEU C 90 20.32 -13.54 -4.71
CA LEU C 90 20.53 -12.10 -4.89
C LEU C 90 21.31 -11.49 -3.73
N ARG C 91 21.00 -11.89 -2.50
CA ARG C 91 21.66 -11.27 -1.36
C ARG C 91 23.08 -11.78 -1.18
N SER C 92 23.28 -13.09 -1.32
CA SER C 92 24.61 -13.66 -1.11
C SER C 92 25.55 -13.29 -2.25
N THR C 93 25.13 -13.50 -3.51
CA THR C 93 25.89 -13.00 -4.65
C THR C 93 26.25 -11.51 -4.51
N GLY C 94 25.36 -10.72 -3.92
CA GLY C 94 25.47 -9.27 -3.90
C GLY C 94 25.00 -8.57 -5.16
N SER C 95 24.55 -9.31 -6.18
CA SER C 95 24.05 -8.64 -7.37
C SER C 95 22.72 -7.94 -7.13
N ASP C 96 22.12 -8.13 -5.96
CA ASP C 96 20.93 -7.36 -5.61
C ASP C 96 21.24 -5.87 -5.60
N LYS C 97 22.38 -5.48 -5.02
CA LYS C 97 22.77 -4.07 -5.06
C LYS C 97 23.09 -3.64 -6.48
N VAL C 98 23.69 -4.54 -7.27
CA VAL C 98 24.08 -4.20 -8.63
C VAL C 98 22.85 -4.02 -9.51
N ILE C 99 21.89 -4.95 -9.43
CA ILE C 99 20.69 -4.84 -10.25
C ILE C 99 19.87 -3.61 -9.84
N THR C 100 19.70 -3.41 -8.53
CA THR C 100 18.95 -2.24 -8.06
C THR C 100 19.57 -0.95 -8.61
N ARG C 101 20.90 -0.86 -8.58
CA ARG C 101 21.56 0.33 -9.10
C ARG C 101 21.22 0.56 -10.56
N ARG C 102 21.32 -0.49 -11.38
CA ARG C 102 21.11 -0.31 -12.81
C ARG C 102 19.63 -0.03 -13.10
N VAL C 103 18.72 -0.67 -12.38
CA VAL C 103 17.29 -0.42 -12.57
C VAL C 103 16.96 1.02 -12.22
N ARG C 104 17.47 1.51 -11.09
CA ARG C 104 17.20 2.90 -10.74
C ARG C 104 17.84 3.87 -11.73
N GLN C 105 18.90 3.44 -12.40
CA GLN C 105 19.55 4.23 -13.45
C GLN C 105 18.85 4.13 -14.79
N GLY C 106 17.73 3.41 -14.86
CA GLY C 106 16.90 3.39 -16.06
C GLY C 106 16.88 2.11 -16.86
N LEU C 107 17.54 1.04 -16.40
CA LEU C 107 17.51 -0.21 -17.15
C LEU C 107 16.17 -0.89 -16.92
N PRO C 108 15.36 -1.08 -17.96
CA PRO C 108 14.02 -1.64 -17.74
C PRO C 108 14.08 -3.05 -17.20
N TYR C 109 13.15 -3.35 -16.30
CA TYR C 109 13.14 -4.58 -15.52
C TYR C 109 11.81 -5.26 -15.77
N ILE C 110 11.84 -6.50 -16.25
CA ILE C 110 10.64 -7.33 -16.39
C ILE C 110 10.68 -8.38 -15.29
N GLY C 111 9.59 -8.49 -14.54
CA GLY C 111 9.44 -9.53 -13.52
C GLY C 111 8.38 -10.52 -13.93
N CYS C 112 8.63 -11.80 -13.66
CA CYS C 112 7.66 -12.86 -13.87
C CYS C 112 7.57 -13.68 -12.60
N SER C 113 6.36 -13.76 -12.04
CA SER C 113 6.12 -14.49 -10.80
C SER C 113 7.14 -14.06 -9.75
N ALA C 114 8.13 -14.92 -9.47
CA ALA C 114 9.14 -14.64 -8.46
C ALA C 114 9.94 -13.39 -8.79
N GLY C 115 10.15 -13.11 -10.08
CA GLY C 115 10.79 -11.86 -10.45
C GLY C 115 9.96 -10.64 -10.10
N SER C 116 8.64 -10.78 -10.07
CA SER C 116 7.81 -9.62 -9.77
C SER C 116 7.72 -9.32 -8.28
N VAL C 117 7.78 -10.35 -7.42
CA VAL C 117 7.55 -10.12 -6.00
C VAL C 117 8.82 -9.58 -5.33
N VAL C 118 10.00 -10.09 -5.74
CA VAL C 118 11.28 -9.66 -5.16
C VAL C 118 11.59 -8.24 -5.57
N ALA C 119 10.88 -7.73 -6.59
CA ALA C 119 11.04 -6.31 -6.93
C ALA C 119 10.42 -5.42 -5.88
N GLY C 120 9.52 -5.96 -5.08
CA GLY C 120 8.75 -5.19 -4.13
C GLY C 120 9.41 -5.10 -2.77
N PRO C 121 8.61 -4.80 -1.74
CA PRO C 121 9.20 -4.62 -0.41
C PRO C 121 9.62 -5.92 0.25
N THR C 122 8.93 -7.02 0.00
CA THR C 122 9.24 -8.25 0.71
C THR C 122 8.78 -9.45 -0.10
N ILE C 123 9.38 -10.60 0.22
CA ILE C 123 8.95 -11.88 -0.29
C ILE C 123 8.23 -12.69 0.77
N GLU C 124 8.05 -12.15 1.97
CA GLU C 124 7.38 -12.91 3.01
C GLU C 124 5.93 -13.19 2.67
N ALA C 125 5.32 -12.34 1.83
CA ALA C 125 3.91 -12.52 1.50
C ALA C 125 3.64 -13.70 0.58
N VAL C 126 4.67 -14.29 -0.04
CA VAL C 126 4.46 -15.46 -0.87
C VAL C 126 4.92 -16.74 -0.17
N SER C 127 5.12 -16.70 1.15
CA SER C 127 5.60 -17.87 1.87
C SER C 127 4.60 -19.02 1.88
N LEU C 128 3.35 -18.78 1.46
CA LEU C 128 2.42 -19.88 1.23
C LEU C 128 2.36 -20.32 -0.23
N MET C 129 3.09 -19.64 -1.13
CA MET C 129 3.14 -20.01 -2.54
C MET C 129 4.43 -20.74 -2.88
N ASP C 130 5.57 -20.12 -2.59
CA ASP C 130 6.88 -20.74 -2.71
C ASP C 130 7.37 -21.08 -1.32
N SER C 131 8.01 -22.23 -1.17
CA SER C 131 8.42 -22.69 0.15
C SER C 131 9.68 -21.96 0.60
N PRO C 132 9.70 -21.42 1.82
CA PRO C 132 10.93 -20.81 2.35
C PRO C 132 11.97 -21.82 2.79
N ASP C 133 11.64 -23.11 2.85
CA ASP C 133 12.59 -24.08 3.36
C ASP C 133 13.76 -24.29 2.41
N ILE C 134 13.62 -23.90 1.15
CA ILE C 134 14.71 -24.02 0.20
C ILE C 134 15.84 -23.05 0.51
N ALA C 135 15.61 -22.10 1.42
CA ALA C 135 16.61 -21.11 1.83
C ALA C 135 16.71 -21.08 3.35
N PRO C 136 17.18 -22.16 3.97
CA PRO C 136 17.18 -22.21 5.43
C PRO C 136 18.09 -21.20 6.09
N ASP C 137 19.12 -20.70 5.40
CA ASP C 137 20.04 -19.75 5.99
C ASP C 137 19.70 -18.30 5.63
N LEU C 138 18.52 -18.07 5.04
CA LEU C 138 18.05 -16.73 4.73
C LEU C 138 17.28 -16.19 5.94
N LYS C 139 17.84 -15.18 6.59
CA LYS C 139 17.25 -14.57 7.77
C LYS C 139 16.27 -13.44 7.41
N ASP C 140 16.69 -12.56 6.50
CA ASP C 140 15.96 -11.34 6.14
C ASP C 140 15.17 -11.53 4.84
N TYR C 141 13.86 -11.24 4.90
CA TYR C 141 12.98 -11.41 3.74
C TYR C 141 12.76 -10.12 2.94
N THR C 142 13.49 -9.06 3.27
CA THR C 142 13.31 -7.80 2.56
C THR C 142 13.70 -7.95 1.10
N GLY C 143 12.85 -7.43 0.21
CA GLY C 143 13.08 -7.48 -1.22
C GLY C 143 13.94 -6.34 -1.70
N LEU C 144 13.94 -6.16 -3.03
CA LEU C 144 14.72 -5.09 -3.65
C LEU C 144 14.10 -3.72 -3.45
N GLY C 145 12.79 -3.64 -3.20
CA GLY C 145 12.15 -2.36 -3.01
C GLY C 145 12.05 -1.50 -4.26
N LEU C 146 12.11 -2.10 -5.44
CA LEU C 146 11.92 -1.34 -6.67
C LEU C 146 10.50 -0.80 -6.78
N THR C 147 9.55 -1.43 -6.10
CA THR C 147 8.19 -0.95 -6.02
C THR C 147 7.72 -1.14 -4.59
N GLU C 148 6.76 -0.33 -4.17
CA GLU C 148 6.17 -0.61 -2.87
C GLU C 148 5.06 -1.64 -2.93
N LEU C 149 4.58 -2.00 -4.12
CA LEU C 149 3.49 -2.96 -4.23
C LEU C 149 4.00 -4.38 -4.01
N ALA C 150 3.30 -5.13 -3.16
CA ALA C 150 3.64 -6.52 -2.88
C ALA C 150 2.83 -7.40 -3.83
N VAL C 151 3.47 -7.85 -4.90
CA VAL C 151 2.75 -8.58 -5.94
C VAL C 151 2.49 -9.99 -5.44
N ILE C 152 1.24 -10.43 -5.57
CA ILE C 152 0.85 -11.81 -5.32
C ILE C 152 0.41 -12.40 -6.66
N PRO C 153 1.25 -13.23 -7.29
CA PRO C 153 1.00 -13.65 -8.67
C PRO C 153 0.03 -14.82 -8.75
N HIS C 154 -0.46 -15.07 -9.97
CA HIS C 154 -1.37 -16.19 -10.26
C HIS C 154 -2.62 -16.13 -9.38
N ALA C 155 -3.12 -14.91 -9.14
CA ALA C 155 -4.20 -14.69 -8.17
C ALA C 155 -5.54 -15.30 -8.57
N SER C 156 -5.71 -15.71 -9.82
CA SER C 156 -6.92 -16.40 -10.25
C SER C 156 -6.97 -17.84 -9.76
N GLY C 157 -5.87 -18.39 -9.26
CA GLY C 157 -5.81 -19.81 -8.97
C GLY C 157 -5.44 -20.68 -10.14
N SER C 158 -4.69 -20.15 -11.11
CA SER C 158 -4.45 -20.84 -12.36
C SER C 158 -3.26 -21.79 -12.32
N ILE C 159 -2.51 -21.85 -11.21
CA ILE C 159 -1.48 -22.88 -11.07
C ILE C 159 -1.93 -23.84 -9.99
N SER C 160 -1.65 -25.13 -10.22
CA SER C 160 -2.22 -26.18 -9.37
C SER C 160 -1.72 -26.10 -7.94
N GLN C 161 -0.46 -25.71 -7.73
CA GLN C 161 0.14 -25.54 -6.41
C GLN C 161 -0.41 -24.37 -5.60
N PHE C 162 -1.12 -23.43 -6.23
CA PHE C 162 -1.58 -22.21 -5.55
C PHE C 162 -3.09 -22.02 -5.72
N PRO C 163 -3.88 -22.88 -5.09
CA PRO C 163 -5.34 -22.78 -5.24
C PRO C 163 -5.87 -21.54 -4.55
N ILE C 164 -7.14 -21.22 -4.86
CA ILE C 164 -7.74 -19.97 -4.40
C ILE C 164 -7.80 -19.94 -2.88
N GLU C 165 -7.89 -21.12 -2.24
CA GLU C 165 -7.84 -21.16 -0.78
C GLU C 165 -6.52 -20.63 -0.26
N THR C 166 -5.43 -20.92 -0.96
CA THR C 166 -4.13 -20.45 -0.51
C THR C 166 -3.90 -19.00 -0.91
N ILE C 167 -4.51 -18.55 -2.01
CA ILE C 167 -4.51 -17.12 -2.33
C ILE C 167 -5.17 -16.36 -1.18
N ALA C 168 -6.29 -16.89 -0.69
CA ALA C 168 -7.02 -16.28 0.40
C ALA C 168 -6.22 -16.29 1.69
N ASP C 169 -5.54 -17.42 1.98
CA ASP C 169 -4.77 -17.52 3.21
C ASP C 169 -3.65 -16.48 3.26
N THR C 170 -2.97 -16.24 2.13
CA THR C 170 -1.94 -15.18 2.15
C THR C 170 -2.57 -13.83 2.40
N VAL C 171 -3.78 -13.60 1.85
CA VAL C 171 -4.46 -12.34 2.12
C VAL C 171 -4.83 -12.23 3.60
N ARG C 172 -5.34 -13.32 4.19
CA ARG C 172 -5.65 -13.28 5.62
C ARG C 172 -4.40 -12.98 6.43
N THR C 173 -3.26 -13.56 6.04
CA THR C 173 -2.02 -13.56 6.81
C THR C 173 -1.17 -12.32 6.57
N TYR C 174 -1.16 -11.80 5.34
CA TYR C 174 -0.27 -10.72 4.95
C TYR C 174 -0.99 -9.48 4.44
N GLY C 175 -2.32 -9.52 4.33
CA GLY C 175 -3.06 -8.41 3.76
C GLY C 175 -3.09 -7.15 4.61
N GLU C 176 -2.94 -7.29 5.93
CA GLU C 176 -3.02 -6.10 6.77
C GLU C 176 -1.74 -5.28 6.71
N ARG C 177 -0.58 -5.92 6.78
CA ARG C 177 0.65 -5.14 6.82
C ARG C 177 1.18 -4.80 5.45
N TRP C 178 0.91 -5.62 4.43
CA TRP C 178 1.60 -5.33 3.19
C TRP C 178 0.62 -4.91 2.11
N PRO C 179 1.00 -3.99 1.23
CA PRO C 179 0.08 -3.57 0.16
C PRO C 179 0.03 -4.63 -0.95
N LEU C 180 -0.75 -5.69 -0.69
CA LEU C 180 -0.88 -6.79 -1.63
C LEU C 180 -1.52 -6.33 -2.94
N CYS C 181 -0.97 -6.81 -4.05
CA CYS C 181 -1.55 -6.59 -5.37
C CYS C 181 -1.75 -7.95 -6.03
N LEU C 182 -3.01 -8.39 -6.12
CA LEU C 182 -3.35 -9.67 -6.74
C LEU C 182 -3.29 -9.55 -8.25
N LEU C 183 -2.36 -10.27 -8.88
CA LEU C 183 -2.31 -10.32 -10.34
C LEU C 183 -2.71 -11.68 -10.88
N ARG C 184 -3.67 -11.67 -11.79
CA ARG C 184 -4.05 -12.88 -12.50
C ARG C 184 -3.08 -13.09 -13.67
N ASP C 185 -2.91 -14.35 -14.08
CA ASP C 185 -2.11 -14.61 -15.27
C ASP C 185 -2.74 -13.86 -16.43
N GLY C 186 -1.93 -13.07 -17.14
CA GLY C 186 -2.41 -12.15 -18.16
C GLY C 186 -2.32 -10.69 -17.74
N GLN C 187 -2.40 -10.40 -16.45
CA GLN C 187 -2.28 -9.03 -15.99
C GLN C 187 -0.81 -8.69 -15.78
N ALA C 188 -0.52 -7.40 -15.78
CA ALA C 188 0.83 -6.93 -15.48
C ALA C 188 0.75 -5.50 -15.00
N LEU C 189 1.75 -5.11 -14.22
CA LEU C 189 1.92 -3.74 -13.77
C LEU C 189 2.99 -3.08 -14.63
N TRP C 190 2.59 -2.11 -15.45
CA TRP C 190 3.55 -1.31 -16.21
C TRP C 190 3.84 -0.05 -15.39
N ILE C 191 4.96 -0.08 -14.65
CA ILE C 191 5.33 1.03 -13.77
C ILE C 191 6.43 1.82 -14.42
N GLU C 192 6.22 3.12 -14.55
CA GLU C 192 7.17 3.99 -15.23
C GLU C 192 7.25 5.28 -14.44
N ASP C 193 8.39 5.50 -13.79
CA ASP C 193 8.59 6.64 -12.90
C ASP C 193 7.42 6.80 -11.95
N GLY C 194 7.10 5.72 -11.25
CA GLY C 194 6.08 5.75 -10.22
C GLY C 194 4.67 5.45 -10.70
N GLU C 195 4.33 5.79 -11.93
CA GLU C 195 2.97 5.59 -12.42
C GLU C 195 2.73 4.10 -12.69
N VAL C 196 1.66 3.59 -12.11
CA VAL C 196 1.33 2.18 -12.14
C VAL C 196 0.15 2.00 -13.07
N ARG C 197 0.39 1.37 -14.21
CA ARG C 197 -0.68 1.01 -15.12
C ARG C 197 -0.93 -0.49 -14.95
N LEU C 198 -2.19 -0.85 -14.75
CA LEU C 198 -2.60 -2.23 -14.61
C LEU C 198 -3.13 -2.69 -15.97
N LEU C 199 -2.43 -3.63 -16.58
CA LEU C 199 -2.78 -4.11 -17.90
C LEU C 199 -3.44 -5.48 -17.82
N ASN C 200 -4.43 -5.68 -18.67
CA ASN C 200 -5.05 -6.96 -18.97
C ASN C 200 -4.39 -7.52 -20.21
N LEU C 201 -4.85 -8.71 -20.65
CA LEU C 201 -4.30 -9.34 -21.85
C LEU C 201 -4.51 -8.48 -23.09
N GLU C 202 -5.68 -7.83 -23.20
CA GLU C 202 -6.00 -7.12 -24.43
C GLU C 202 -5.16 -5.87 -24.64
N HIS C 203 -4.33 -5.49 -23.67
CA HIS C 203 -3.53 -4.27 -23.74
C HIS C 203 -2.15 -4.50 -24.36
#